data_4NSR
#
_entry.id   4NSR
#
_cell.length_a   73.984
_cell.length_b   78.298
_cell.length_c   106.795
_cell.angle_alpha   90.00
_cell.angle_beta   90.00
_cell.angle_gamma   90.00
#
_symmetry.space_group_name_H-M   'P 21 21 21'
#
loop_
_entity.id
_entity.type
_entity.pdbx_description
1 polymer 'Immunity protein'
2 water water
#
_entity_poly.entity_id   1
_entity_poly.type   'polypeptide(L)'
_entity_poly.pdbx_seq_one_letter_code
;MGENCNDMGENCNDTSGVHQKILVCIQNEIAKSETQIRNNISSKSIDYGFPDDFYSKQRLAIHEKCMLYINVGGQRGELL
MNQCELSMLQGLDIYIQQYIEDVDNSLLEHHHHHH
;
_entity_poly.pdbx_strand_id   B,C,A,E,F,D
#
# COMPACT_ATOMS: atom_id res chain seq x y z
N GLY A 17 -3.77 -18.02 7.30
CA GLY A 17 -5.19 -17.71 7.41
C GLY A 17 -5.61 -17.73 8.86
N VAL A 18 -5.31 -18.86 9.48
CA VAL A 18 -5.54 -19.06 10.89
C VAL A 18 -4.55 -18.14 11.61
N HIS A 19 -3.35 -18.05 11.04
CA HIS A 19 -2.30 -17.20 11.59
C HIS A 19 -2.65 -15.72 11.61
N GLN A 20 -3.37 -15.27 10.59
CA GLN A 20 -3.75 -13.87 10.50
C GLN A 20 -4.82 -13.52 11.52
N LYS A 21 -5.65 -14.50 11.81
CA LYS A 21 -6.74 -14.34 12.76
C LYS A 21 -6.16 -14.23 14.16
N ILE A 22 -5.06 -14.95 14.38
CA ILE A 22 -4.31 -14.91 15.63
C ILE A 22 -3.67 -13.53 15.79
N LEU A 23 -3.02 -13.04 14.74
CA LEU A 23 -2.42 -11.72 14.83
C LEU A 23 -3.49 -10.67 15.11
N VAL A 24 -4.66 -10.80 14.51
CA VAL A 24 -5.73 -9.85 14.79
C VAL A 24 -6.10 -9.90 16.27
N CYS A 25 -6.13 -11.08 16.88
CA CYS A 25 -6.49 -11.15 18.30
C CYS A 25 -5.54 -10.35 19.20
N ILE A 26 -4.24 -10.49 18.95
CA ILE A 26 -3.19 -9.80 19.68
C ILE A 26 -3.22 -8.31 19.41
N GLN A 27 -3.36 -7.97 18.13
CA GLN A 27 -3.34 -6.58 17.75
C GLN A 27 -4.51 -5.85 18.35
N ASN A 28 -5.56 -6.59 18.60
CA ASN A 28 -6.70 -6.02 19.29
C ASN A 28 -6.43 -5.75 20.75
N GLU A 29 -5.73 -6.66 21.42
CA GLU A 29 -5.37 -6.47 22.82
C GLU A 29 -4.37 -5.35 22.98
N ILE A 30 -3.50 -5.21 21.98
CA ILE A 30 -2.53 -4.10 21.98
C ILE A 30 -3.23 -2.75 21.96
N ALA A 31 -4.25 -2.62 21.12
CA ALA A 31 -5.02 -1.41 21.02
C ALA A 31 -5.77 -1.14 22.36
N LYS A 32 -6.17 -2.17 23.12
CA LYS A 32 -6.84 -1.98 24.43
C LYS A 32 -5.86 -1.37 25.45
N SER A 33 -4.63 -1.90 25.47
CA SER A 33 -3.57 -1.45 26.37
C SER A 33 -3.17 0.01 26.07
N GLU A 34 -3.02 0.32 24.78
CA GLU A 34 -2.67 1.65 24.28
C GLU A 34 -3.69 2.67 24.78
N THR A 35 -4.95 2.27 24.74
CA THR A 35 -6.04 3.12 25.17
C THR A 35 -5.98 3.38 26.63
N GLN A 36 -5.77 2.29 27.36
CA GLN A 36 -5.72 2.31 28.79
C GLN A 36 -4.56 3.15 29.32
N ILE A 37 -3.40 3.00 28.67
CA ILE A 37 -2.19 3.76 29.00
C ILE A 37 -2.44 5.24 28.72
N ARG A 38 -2.97 5.55 27.54
CA ARG A 38 -3.22 6.95 27.21
C ARG A 38 -4.25 7.57 28.18
N ASN A 39 -5.26 6.79 28.58
CA ASN A 39 -6.25 7.28 29.53
C ASN A 39 -5.63 7.42 30.90
N ASN A 40 -4.75 6.49 31.28
CA ASN A 40 -4.14 6.63 32.58
C ASN A 40 -3.23 7.85 32.72
N ILE A 41 -2.51 8.15 31.65
CA ILE A 41 -1.64 9.30 31.64
C ILE A 41 -2.38 10.63 31.47
N SER A 42 -3.42 10.67 30.64
CA SER A 42 -4.13 11.94 30.41
C SER A 42 -4.99 12.35 31.57
N SER A 43 -5.05 11.50 32.60
CA SER A 43 -5.73 11.77 33.87
C SER A 43 -5.05 12.96 34.57
N LYS A 44 -5.66 14.13 34.37
CA LYS A 44 -5.08 15.44 34.69
C LYS A 44 -4.77 15.85 36.12
N SER A 45 -3.62 15.40 36.61
CA SER A 45 -3.12 15.92 37.87
C SER A 45 -1.62 16.10 37.70
N ILE A 46 -1.18 17.34 37.59
CA ILE A 46 0.23 17.63 37.30
C ILE A 46 1.13 17.23 38.47
N ASP A 47 0.51 16.78 39.57
CA ASP A 47 1.26 16.31 40.74
C ASP A 47 1.97 15.01 40.34
N TYR A 48 1.49 14.42 39.27
CA TYR A 48 2.06 13.21 38.70
C TYR A 48 3.18 13.52 37.74
N GLY A 49 3.13 14.72 37.17
CA GLY A 49 4.23 15.23 36.39
C GLY A 49 4.58 14.39 35.18
N PHE A 50 3.62 14.01 34.34
CA PHE A 50 3.99 13.29 33.11
C PHE A 50 4.40 14.22 31.95
N PRO A 51 5.61 14.02 31.40
CA PRO A 51 6.06 14.80 30.24
C PRO A 51 5.13 14.67 29.03
N ASP A 52 5.22 15.71 28.20
CA ASP A 52 4.30 15.85 27.10
C ASP A 52 4.33 14.75 26.09
N ASP A 53 5.56 14.31 25.82
CA ASP A 53 5.82 13.30 24.83
C ASP A 53 6.17 11.98 25.51
N PHE A 54 5.68 11.79 26.73
CA PHE A 54 6.01 10.59 27.46
C PHE A 54 5.50 9.32 26.81
N TYR A 55 4.20 9.31 26.51
CA TYR A 55 3.63 8.12 25.92
C TYR A 55 4.31 7.80 24.60
N SER A 56 4.41 8.77 23.72
CA SER A 56 4.98 8.52 22.41
C SER A 56 6.42 8.04 22.48
N LYS A 57 7.23 8.65 23.35
CA LYS A 57 8.63 8.23 23.43
C LYS A 57 8.69 6.82 24.00
N GLN A 58 7.83 6.52 24.98
CA GLN A 58 7.85 5.20 25.58
C GLN A 58 7.31 4.15 24.65
N ARG A 59 6.31 4.53 23.85
CA ARG A 59 5.66 3.65 22.86
C ARG A 59 6.57 3.25 21.73
N LEU A 60 7.33 4.25 21.31
CA LEU A 60 8.28 4.11 20.24
C LEU A 60 9.39 3.19 20.63
N ALA A 61 9.83 3.33 21.88
CA ALA A 61 10.88 2.49 22.38
C ALA A 61 10.41 1.05 22.42
N ILE A 62 9.16 0.83 22.84
CA ILE A 62 8.60 -0.52 22.90
C ILE A 62 8.50 -1.11 21.51
N HIS A 63 8.04 -0.29 20.57
CA HIS A 63 7.89 -0.72 19.21
C HIS A 63 9.22 -1.14 18.59
N GLU A 64 10.25 -0.33 18.78
CA GLU A 64 11.55 -0.61 18.20
C GLU A 64 12.14 -1.87 18.74
N LYS A 65 11.73 -2.24 19.96
CA LYS A 65 12.24 -3.48 20.49
C LYS A 65 11.55 -4.67 19.84
N CYS A 66 10.27 -4.53 19.51
CA CYS A 66 9.57 -5.69 19.01
C CYS A 66 9.90 -5.88 17.53
N MET A 67 10.30 -4.81 16.86
CA MET A 67 10.66 -4.89 15.45
C MET A 67 11.92 -5.70 15.21
N LEU A 68 12.66 -5.97 16.28
CA LEU A 68 13.86 -6.80 16.15
C LEU A 68 13.52 -8.19 15.65
N TYR A 69 12.29 -8.61 15.95
CA TYR A 69 11.80 -9.92 15.58
C TYR A 69 11.44 -10.05 14.08
N ILE A 70 11.80 -9.03 13.32
CA ILE A 70 11.71 -9.07 11.88
C ILE A 70 12.86 -10.02 11.42
N ASN A 71 13.88 -10.16 12.27
CA ASN A 71 15.04 -11.00 12.05
C ASN A 71 14.92 -12.47 12.35
N VAL A 72 13.82 -12.85 13.00
CA VAL A 72 13.50 -14.24 13.23
C VAL A 72 12.78 -14.80 12.02
N GLY A 73 11.82 -14.04 11.52
CA GLY A 73 11.17 -14.40 10.28
C GLY A 73 10.21 -15.56 10.36
N GLY A 74 9.42 -15.62 9.29
CA GLY A 74 8.36 -16.60 9.15
C GLY A 74 7.19 -16.13 9.99
N GLN A 75 6.22 -17.01 10.16
CA GLN A 75 5.06 -16.71 10.97
C GLN A 75 5.44 -16.66 12.41
N ARG A 76 6.46 -17.43 12.74
CA ARG A 76 6.91 -17.50 14.11
C ARG A 76 7.53 -16.15 14.51
N GLY A 77 8.25 -15.51 13.60
CA GLY A 77 8.83 -14.23 13.92
C GLY A 77 7.79 -13.13 14.05
N GLU A 78 6.70 -13.20 13.29
CA GLU A 78 5.67 -12.16 13.38
C GLU A 78 4.88 -12.32 14.62
N LEU A 79 4.71 -13.56 15.00
CA LEU A 79 3.96 -13.88 16.15
C LEU A 79 4.74 -13.40 17.40
N LEU A 80 6.05 -13.65 17.42
CA LEU A 80 6.89 -13.21 18.53
C LEU A 80 6.93 -11.70 18.65
N MET A 81 7.03 -11.04 17.52
CA MET A 81 7.05 -9.60 17.52
C MET A 81 5.78 -9.04 18.17
N ASN A 82 4.63 -9.58 17.76
CA ASN A 82 3.36 -9.14 18.30
C ASN A 82 3.12 -9.54 19.77
N GLN A 83 3.59 -10.72 20.19
CA GLN A 83 3.40 -11.14 21.57
C GLN A 83 4.22 -10.24 22.46
N CYS A 84 5.42 -9.95 22.01
CA CYS A 84 6.31 -9.11 22.79
C CYS A 84 5.85 -7.70 22.91
N GLU A 85 5.28 -7.19 21.83
CA GLU A 85 4.87 -5.80 21.87
C GLU A 85 3.76 -5.64 22.90
N LEU A 86 2.91 -6.65 23.00
CA LEU A 86 1.81 -6.63 23.96
C LEU A 86 2.26 -6.77 25.41
N SER A 87 3.25 -7.63 25.64
CA SER A 87 3.77 -7.89 26.97
C SER A 87 4.39 -6.61 27.50
N MET A 88 5.07 -5.89 26.62
CA MET A 88 5.74 -4.66 26.99
C MET A 88 4.77 -3.53 27.34
N LEU A 89 3.66 -3.50 26.60
CA LEU A 89 2.60 -2.53 26.80
C LEU A 89 1.91 -2.78 28.12
N GLN A 90 1.77 -4.07 28.41
CA GLN A 90 1.15 -4.46 29.64
C GLN A 90 1.99 -4.08 30.82
N GLY A 91 3.29 -4.27 30.73
CA GLY A 91 4.20 -3.89 31.77
C GLY A 91 4.26 -2.38 31.95
N LEU A 92 4.14 -1.67 30.85
CA LEU A 92 4.13 -0.23 30.88
C LEU A 92 2.84 0.23 31.52
N ASP A 93 1.73 -0.41 31.20
CA ASP A 93 0.52 0.03 31.83
C ASP A 93 0.58 -0.19 33.32
N ILE A 94 1.09 -1.38 33.67
CA ILE A 94 1.23 -1.77 35.07
C ILE A 94 2.23 -0.83 35.80
N TYR A 95 3.34 -0.52 35.14
CA TYR A 95 4.36 0.36 35.69
C TYR A 95 3.74 1.74 35.97
N ILE A 96 2.95 2.20 35.01
CA ILE A 96 2.29 3.50 35.12
C ILE A 96 1.26 3.53 36.29
N GLN A 97 0.44 2.49 36.45
CA GLN A 97 -0.54 2.43 37.55
C GLN A 97 0.15 2.45 38.92
N GLN A 98 1.29 1.76 39.02
CA GLN A 98 2.06 1.66 40.27
C GLN A 98 2.70 2.96 40.71
N TYR A 99 3.25 3.71 39.75
CA TYR A 99 3.85 5.01 40.02
C TYR A 99 2.75 5.94 40.56
N ILE A 100 1.56 5.91 39.96
CA ILE A 100 0.42 6.73 40.42
C ILE A 100 0.06 6.31 41.84
N GLU A 101 0.07 5.01 42.10
CA GLU A 101 -0.26 4.54 43.43
C GLU A 101 0.78 5.04 44.42
N ASP A 102 2.05 5.03 44.01
CA ASP A 102 3.19 5.47 44.84
C ASP A 102 3.15 6.97 45.13
N VAL A 103 2.62 7.72 44.19
CA VAL A 103 2.48 9.14 44.36
C VAL A 103 1.35 9.47 45.30
N ASP A 104 0.23 8.78 45.16
CA ASP A 104 -0.93 9.03 46.02
C ASP A 104 -0.57 8.86 47.53
N ASN A 105 0.15 7.79 47.85
CA ASN A 105 0.55 7.56 49.23
C ASN A 105 1.89 8.25 49.51
N SER A 106 1.97 9.50 49.04
CA SER A 106 3.12 10.36 49.24
C SER A 106 2.66 11.80 49.45
N ASP B 14 -6.83 26.91 35.36
CA ASP B 14 -6.34 25.57 35.04
C ASP B 14 -7.20 24.85 34.00
N THR B 15 -6.71 24.94 32.78
CA THR B 15 -7.41 24.43 31.61
C THR B 15 -6.32 23.92 30.66
N SER B 16 -5.12 23.76 31.17
CA SER B 16 -4.05 23.14 30.41
C SER B 16 -4.41 21.67 30.16
N GLY B 17 -3.73 21.02 29.22
CA GLY B 17 -4.03 19.62 28.98
C GLY B 17 -5.32 19.37 28.25
N VAL B 18 -6.05 20.44 27.89
CA VAL B 18 -7.25 20.19 27.12
C VAL B 18 -6.90 19.67 25.75
N HIS B 19 -5.83 20.22 25.15
CA HIS B 19 -5.44 19.76 23.81
C HIS B 19 -5.03 18.28 23.87
N GLN B 20 -4.39 17.88 24.97
CA GLN B 20 -3.93 16.51 25.10
C GLN B 20 -5.04 15.51 25.33
N LYS B 21 -6.08 15.96 26.03
CA LYS B 21 -7.25 15.13 26.33
C LYS B 21 -8.07 14.90 25.09
N ILE B 22 -8.08 15.91 24.24
CA ILE B 22 -8.76 15.85 22.97
C ILE B 22 -8.05 14.82 22.05
N LEU B 23 -6.73 14.88 22.00
CA LEU B 23 -5.97 13.93 21.18
C LEU B 23 -6.23 12.53 21.66
N VAL B 24 -6.32 12.35 22.97
CA VAL B 24 -6.63 11.05 23.53
C VAL B 24 -7.99 10.61 23.05
N CYS B 25 -8.99 11.51 23.00
CA CYS B 25 -10.31 11.05 22.51
C CYS B 25 -10.27 10.51 21.12
N ILE B 26 -9.56 11.25 20.26
CA ILE B 26 -9.38 10.92 18.87
C ILE B 26 -8.57 9.64 18.69
N GLN B 27 -7.45 9.55 19.40
CA GLN B 27 -6.59 8.38 19.30
C GLN B 27 -7.28 7.13 19.82
N ASN B 28 -8.21 7.31 20.74
CA ASN B 28 -8.98 6.19 21.20
C ASN B 28 -9.92 5.73 20.11
N GLU B 29 -10.51 6.68 19.39
CA GLU B 29 -11.39 6.32 18.26
C GLU B 29 -10.66 5.71 17.07
N ILE B 30 -9.44 6.16 16.83
CA ILE B 30 -8.60 5.62 15.79
C ILE B 30 -8.40 4.16 16.15
N ALA B 31 -8.14 3.91 17.42
CA ALA B 31 -7.95 2.56 17.89
C ALA B 31 -9.21 1.72 17.73
N LYS B 32 -10.38 2.33 17.85
CA LYS B 32 -11.64 1.62 17.67
C LYS B 32 -11.83 1.23 16.20
N SER B 33 -11.55 2.15 15.28
CA SER B 33 -11.69 1.87 13.84
C SER B 33 -10.74 0.79 13.37
N GLU B 34 -9.50 0.86 13.82
CA GLU B 34 -8.47 -0.11 13.44
C GLU B 34 -8.93 -1.49 13.80
N THR B 35 -9.55 -1.59 14.96
CA THR B 35 -10.07 -2.85 15.49
C THR B 35 -11.23 -3.37 14.64
N GLN B 36 -12.17 -2.51 14.31
CA GLN B 36 -13.32 -2.91 13.52
C GLN B 36 -12.93 -3.37 12.17
N ILE B 37 -11.97 -2.64 11.62
CA ILE B 37 -11.44 -2.94 10.32
C ILE B 37 -10.75 -4.30 10.38
N ARG B 38 -9.90 -4.55 11.37
CA ARG B 38 -9.25 -5.84 11.44
C ARG B 38 -10.25 -6.98 11.61
N ASN B 39 -11.29 -6.75 12.42
CA ASN B 39 -12.31 -7.80 12.60
C ASN B 39 -13.18 -8.08 11.39
N ASN B 40 -13.55 -7.03 10.67
CA ASN B 40 -14.37 -7.17 9.47
C ASN B 40 -13.69 -7.91 8.36
N ILE B 41 -12.39 -7.68 8.24
CA ILE B 41 -11.59 -8.32 7.22
C ILE B 41 -11.34 -9.74 7.66
N SER B 42 -11.16 -9.97 8.96
CA SER B 42 -10.91 -11.33 9.46
C SER B 42 -12.27 -12.10 9.41
N SER B 43 -13.36 -11.47 8.97
CA SER B 43 -14.62 -12.21 8.76
C SER B 43 -14.33 -13.29 7.71
N LYS B 44 -14.08 -14.48 8.23
CA LYS B 44 -13.52 -15.59 7.47
C LYS B 44 -14.36 -16.16 6.34
N SER B 45 -14.32 -15.48 5.20
CA SER B 45 -14.88 -16.01 3.97
C SER B 45 -13.94 -15.66 2.83
N ILE B 46 -13.20 -16.64 2.31
CA ILE B 46 -12.17 -16.34 1.30
C ILE B 46 -12.77 -15.88 -0.03
N ASP B 47 -14.10 -15.87 -0.13
CA ASP B 47 -14.82 -15.41 -1.31
C ASP B 47 -14.67 -13.91 -1.53
N TYR B 48 -14.28 -13.23 -0.45
CA TYR B 48 -14.04 -11.77 -0.43
C TYR B 48 -12.65 -11.49 -0.89
N GLY B 49 -11.80 -12.50 -0.70
CA GLY B 49 -10.47 -12.49 -1.24
C GLY B 49 -9.65 -11.35 -0.71
N PHE B 50 -9.66 -11.19 0.60
CA PHE B 50 -8.79 -10.18 1.16
C PHE B 50 -7.38 -10.75 1.30
N PRO B 51 -6.40 -10.09 0.68
CA PRO B 51 -5.00 -10.51 0.89
C PRO B 51 -4.62 -10.41 2.38
N ASP B 52 -3.62 -11.20 2.79
CA ASP B 52 -3.22 -11.25 4.21
C ASP B 52 -2.74 -9.87 4.65
N ASP B 53 -2.07 -9.16 3.74
CA ASP B 53 -1.52 -7.89 4.13
C ASP B 53 -2.29 -6.70 3.64
N PHE B 54 -3.57 -6.92 3.43
CA PHE B 54 -4.42 -5.86 2.94
C PHE B 54 -4.52 -4.74 3.95
N TYR B 55 -4.85 -5.10 5.19
CA TYR B 55 -5.00 -4.11 6.25
C TYR B 55 -3.74 -3.33 6.50
N SER B 56 -2.62 -4.01 6.69
CA SER B 56 -1.36 -3.33 7.01
C SER B 56 -0.94 -2.37 5.88
N LYS B 57 -1.10 -2.80 4.63
CA LYS B 57 -0.69 -1.94 3.51
C LYS B 57 -1.55 -0.69 3.42
N GLN B 58 -2.85 -0.86 3.68
CA GLN B 58 -3.82 0.24 3.62
C GLN B 58 -3.64 1.19 4.79
N ARG B 59 -3.27 0.61 5.92
CA ARG B 59 -3.04 1.33 7.15
C ARG B 59 -1.83 2.22 6.98
N LEU B 60 -0.83 1.67 6.30
CA LEU B 60 0.40 2.39 6.04
C LEU B 60 0.21 3.57 5.12
N ALA B 61 -0.63 3.39 4.10
CA ALA B 61 -0.91 4.45 3.15
C ALA B 61 -1.60 5.60 3.84
N ILE B 62 -2.55 5.25 4.71
CA ILE B 62 -3.28 6.24 5.52
C ILE B 62 -2.32 6.93 6.47
N HIS B 63 -1.47 6.16 7.13
CA HIS B 63 -0.55 6.77 8.08
C HIS B 63 0.36 7.75 7.39
N GLU B 64 0.90 7.34 6.25
CA GLU B 64 1.81 8.19 5.48
C GLU B 64 1.13 9.43 4.95
N LYS B 65 -0.18 9.35 4.77
CA LYS B 65 -0.91 10.51 4.28
C LYS B 65 -1.06 11.55 5.36
N CYS B 66 -1.25 11.08 6.59
CA CYS B 66 -1.52 11.95 7.69
C CYS B 66 -0.30 12.58 8.30
N MET B 67 0.84 11.92 8.13
CA MET B 67 2.12 12.38 8.65
C MET B 67 2.56 13.67 7.99
N LEU B 68 1.93 14.03 6.88
CA LEU B 68 2.21 15.27 6.18
C LEU B 68 1.92 16.46 7.09
N TYR B 69 1.00 16.26 8.02
CA TYR B 69 0.63 17.34 8.93
C TYR B 69 1.67 17.60 10.01
N ILE B 70 2.81 16.94 9.84
CA ILE B 70 3.98 17.23 10.62
C ILE B 70 4.55 18.57 10.18
N ASN B 71 4.26 18.91 8.95
CA ASN B 71 4.73 20.13 8.35
C ASN B 71 3.89 21.34 8.73
N VAL B 72 2.75 21.13 9.36
CA VAL B 72 2.01 22.26 9.87
C VAL B 72 2.56 22.60 11.24
N GLY B 73 2.77 21.57 12.06
CA GLY B 73 3.43 21.72 13.34
C GLY B 73 2.59 22.40 14.41
N GLY B 74 3.04 22.29 15.66
CA GLY B 74 2.28 22.86 16.74
C GLY B 74 1.09 21.99 17.11
N GLN B 75 0.19 22.53 17.93
CA GLN B 75 -1.01 21.79 18.32
C GLN B 75 -2.02 21.67 17.20
N ARG B 76 -2.06 22.65 16.30
CA ARG B 76 -3.01 22.55 15.20
C ARG B 76 -2.55 21.42 14.29
N GLY B 77 -1.24 21.31 14.10
CA GLY B 77 -0.65 20.26 13.29
C GLY B 77 -0.76 18.87 13.87
N GLU B 78 -0.74 18.78 15.20
CA GLU B 78 -0.84 17.49 15.84
C GLU B 78 -2.30 17.03 15.78
N LEU B 79 -3.24 17.96 15.88
CA LEU B 79 -4.69 17.64 15.82
C LEU B 79 -5.15 17.21 14.46
N LEU B 80 -4.67 17.96 13.46
CA LEU B 80 -4.98 17.69 12.07
C LEU B 80 -4.47 16.35 11.63
N MET B 81 -3.25 15.99 12.02
CA MET B 81 -2.71 14.69 11.65
C MET B 81 -3.63 13.59 12.15
N ASN B 82 -4.02 13.71 13.42
CA ASN B 82 -4.91 12.75 14.06
C ASN B 82 -6.34 12.76 13.57
N GLN B 83 -6.84 13.95 13.22
CA GLN B 83 -8.23 14.04 12.72
C GLN B 83 -8.36 13.38 11.34
N CYS B 84 -7.36 13.60 10.50
CA CYS B 84 -7.37 13.05 9.17
C CYS B 84 -7.27 11.56 9.17
N GLU B 85 -6.43 11.09 10.08
CA GLU B 85 -6.15 9.69 10.22
C GLU B 85 -7.43 8.99 10.71
N LEU B 86 -8.21 9.68 11.52
CA LEU B 86 -9.44 9.06 11.97
C LEU B 86 -10.43 8.98 10.80
N SER B 87 -10.48 10.03 9.99
CA SER B 87 -11.41 10.08 8.86
C SER B 87 -11.15 9.05 7.82
N MET B 88 -9.86 8.82 7.55
CA MET B 88 -9.46 7.89 6.53
C MET B 88 -9.76 6.48 6.94
N LEU B 89 -9.60 6.23 8.25
CA LEU B 89 -9.90 4.90 8.79
C LEU B 89 -11.39 4.65 8.69
N GLN B 90 -12.18 5.69 8.93
CA GLN B 90 -13.60 5.56 8.77
C GLN B 90 -13.90 5.37 7.30
N GLY B 91 -13.22 6.13 6.46
CA GLY B 91 -13.46 5.97 5.04
C GLY B 91 -13.04 4.59 4.61
N LEU B 92 -11.99 4.07 5.23
CA LEU B 92 -11.57 2.71 4.92
C LEU B 92 -12.59 1.72 5.41
N ASP B 93 -13.10 1.95 6.60
CA ASP B 93 -14.09 1.09 7.19
C ASP B 93 -15.37 1.09 6.35
N ILE B 94 -15.79 2.26 5.88
CA ILE B 94 -16.99 2.33 5.07
C ILE B 94 -16.90 1.58 3.76
N TYR B 95 -15.76 1.74 3.07
CA TYR B 95 -15.52 1.09 1.80
C TYR B 95 -15.54 -0.43 1.93
N ILE B 96 -14.91 -0.94 2.99
CA ILE B 96 -14.87 -2.37 3.23
C ILE B 96 -16.25 -2.93 3.53
N GLN B 97 -17.04 -2.27 4.36
CA GLN B 97 -18.39 -2.76 4.62
C GLN B 97 -19.20 -2.78 3.32
N GLN B 98 -19.06 -1.75 2.48
CA GLN B 98 -19.79 -1.63 1.22
C GLN B 98 -19.32 -2.69 0.20
N TYR B 99 -18.00 -2.91 0.16
CA TYR B 99 -17.44 -3.91 -0.71
C TYR B 99 -18.00 -5.27 -0.35
N ILE B 100 -18.07 -5.55 0.93
CA ILE B 100 -18.63 -6.80 1.39
C ILE B 100 -20.09 -6.95 0.98
N GLU B 101 -20.85 -5.87 1.11
CA GLU B 101 -22.26 -5.91 0.78
C GLU B 101 -22.51 -6.22 -0.67
N ASP B 102 -21.69 -5.62 -1.54
CA ASP B 102 -21.85 -5.86 -2.96
C ASP B 102 -21.51 -7.32 -3.29
N VAL B 103 -20.57 -7.87 -2.54
CA VAL B 103 -20.21 -9.25 -2.75
C VAL B 103 -21.27 -10.17 -2.19
N ASP B 104 -21.78 -9.86 -1.01
CA ASP B 104 -22.81 -10.71 -0.44
C ASP B 104 -23.99 -10.80 -1.36
N ASN B 105 -24.38 -9.66 -1.90
CA ASN B 105 -25.50 -9.62 -2.82
C ASN B 105 -25.12 -9.82 -4.28
N SER B 106 -24.27 -10.81 -4.50
CA SER B 106 -23.88 -11.20 -5.84
C SER B 106 -23.70 -12.73 -5.81
N VAL C 18 21.70 4.43 56.63
CA VAL C 18 21.58 3.07 56.10
C VAL C 18 21.04 3.11 54.67
N HIS C 19 20.12 4.03 54.44
CA HIS C 19 19.50 4.25 53.14
C HIS C 19 20.45 4.63 52.00
N GLN C 20 21.46 5.43 52.31
CA GLN C 20 22.44 5.89 51.32
C GLN C 20 23.43 4.81 50.90
N LYS C 21 23.71 3.90 51.81
CA LYS C 21 24.64 2.83 51.54
C LYS C 21 24.02 1.82 50.54
N ILE C 22 22.70 1.64 50.65
CA ILE C 22 21.90 0.78 49.77
C ILE C 22 21.84 1.27 48.35
N LEU C 23 21.62 2.58 48.21
CA LEU C 23 21.54 3.25 46.92
C LEU C 23 22.85 3.08 46.16
N VAL C 24 23.98 3.15 46.85
CA VAL C 24 25.29 2.94 46.22
C VAL C 24 25.42 1.54 45.62
N CYS C 25 24.90 0.55 46.34
CA CYS C 25 24.92 -0.84 45.90
C CYS C 25 24.17 -1.02 44.59
N ILE C 26 22.99 -0.41 44.54
CA ILE C 26 22.11 -0.43 43.39
C ILE C 26 22.75 0.32 42.24
N GLN C 27 23.28 1.49 42.54
CA GLN C 27 23.88 2.33 41.51
C GLN C 27 25.09 1.59 40.92
N ASN C 28 25.66 0.69 41.72
CA ASN C 28 26.74 -0.20 41.26
C ASN C 28 26.20 -1.27 40.30
N GLU C 29 25.02 -1.79 40.61
CA GLU C 29 24.38 -2.81 39.76
C GLU C 29 23.93 -2.22 38.41
N ILE C 30 23.52 -0.94 38.44
CA ILE C 30 23.15 -0.20 37.24
C ILE C 30 24.28 -0.04 36.24
N ALA C 31 25.47 0.31 36.73
CA ALA C 31 26.61 0.45 35.86
C ALA C 31 26.95 -0.89 35.26
N LYS C 32 26.71 -1.97 36.01
CA LYS C 32 26.96 -3.33 35.54
C LYS C 32 26.05 -3.83 34.41
N SER C 33 24.75 -3.63 34.57
CA SER C 33 23.75 -4.03 33.59
C SER C 33 23.96 -3.27 32.33
N GLU C 34 24.22 -1.98 32.48
CA GLU C 34 24.45 -1.12 31.36
C GLU C 34 25.59 -1.64 30.52
N THR C 35 26.60 -2.13 31.20
CA THR C 35 27.78 -2.67 30.55
C THR C 35 27.50 -3.96 29.78
N GLN C 36 26.80 -4.87 30.43
CA GLN C 36 26.49 -6.15 29.83
C GLN C 36 25.59 -6.01 28.62
N ILE C 37 24.62 -5.11 28.76
CA ILE C 37 23.68 -4.81 27.71
C ILE C 37 24.28 -4.19 26.47
N ARG C 38 25.06 -3.13 26.62
CA ARG C 38 25.67 -2.50 25.46
C ARG C 38 26.61 -3.51 24.80
N ASN C 39 27.30 -4.32 25.62
CA ASN C 39 28.23 -5.32 25.08
C ASN C 39 27.53 -6.43 24.31
N ASN C 40 26.38 -6.85 24.81
CA ASN C 40 25.63 -7.88 24.09
C ASN C 40 25.19 -7.32 22.76
N ILE C 41 24.86 -6.03 22.76
CA ILE C 41 24.42 -5.35 21.55
C ILE C 41 25.54 -5.05 20.59
N SER C 42 26.66 -4.68 21.18
CA SER C 42 27.81 -4.35 20.39
C SER C 42 28.43 -5.65 19.86
N SER C 43 27.88 -6.81 20.25
CA SER C 43 28.34 -8.06 19.65
C SER C 43 28.00 -8.00 18.16
N LYS C 44 29.01 -7.57 17.41
CA LYS C 44 28.88 -7.19 16.00
C LYS C 44 28.54 -8.37 15.09
N SER C 45 27.27 -8.70 15.03
CA SER C 45 26.80 -9.66 14.04
C SER C 45 25.54 -9.06 13.50
N ILE C 46 25.61 -8.56 12.27
CA ILE C 46 24.50 -7.81 11.70
C ILE C 46 23.29 -8.73 11.47
N ASP C 47 23.45 -10.02 11.75
CA ASP C 47 22.34 -10.96 11.65
C ASP C 47 21.34 -10.66 12.78
N TYR C 48 21.81 -9.96 13.82
CA TYR C 48 20.93 -9.57 14.93
C TYR C 48 20.23 -8.27 14.62
N GLY C 49 20.82 -7.45 13.76
CA GLY C 49 20.17 -6.28 13.21
C GLY C 49 19.73 -5.25 14.23
N PHE C 50 20.64 -4.87 15.13
CA PHE C 50 20.40 -3.84 16.10
C PHE C 50 20.62 -2.47 15.42
N PRO C 51 19.60 -1.60 15.47
CA PRO C 51 19.68 -0.22 14.95
C PRO C 51 20.83 0.57 15.62
N ASP C 52 21.33 1.62 14.97
CA ASP C 52 22.51 2.34 15.49
C ASP C 52 22.31 2.96 16.85
N ASP C 53 21.13 3.50 17.11
CA ASP C 53 20.96 4.13 18.38
C ASP C 53 20.10 3.30 19.30
N PHE C 54 20.11 2.00 19.10
CA PHE C 54 19.23 1.18 19.89
C PHE C 54 19.52 1.25 21.39
N TYR C 55 20.76 1.03 21.81
CA TYR C 55 21.01 1.08 23.25
C TYR C 55 20.67 2.43 23.89
N SER C 56 21.17 3.52 23.30
CA SER C 56 20.96 4.84 23.88
C SER C 56 19.47 5.19 23.95
N LYS C 57 18.75 4.85 22.89
CA LYS C 57 17.33 5.14 22.83
C LYS C 57 16.57 4.35 23.88
N GLN C 58 16.98 3.11 24.09
CA GLN C 58 16.30 2.30 25.08
C GLN C 58 16.68 2.75 26.45
N ARG C 59 17.93 3.18 26.61
CA ARG C 59 18.43 3.61 27.91
C ARG C 59 17.75 4.90 28.37
N LEU C 60 17.57 5.77 27.41
CA LEU C 60 16.97 7.05 27.62
C LEU C 60 15.48 6.85 28.00
N ALA C 61 14.82 5.89 27.34
CA ALA C 61 13.41 5.63 27.64
C ALA C 61 13.29 5.15 29.11
N ILE C 62 14.23 4.29 29.52
CA ILE C 62 14.30 3.75 30.87
C ILE C 62 14.54 4.91 31.86
N HIS C 63 15.43 5.82 31.49
CA HIS C 63 15.72 6.98 32.33
C HIS C 63 14.50 7.86 32.54
N GLU C 64 13.78 8.12 31.48
CA GLU C 64 12.62 8.97 31.57
C GLU C 64 11.54 8.33 32.48
N LYS C 65 11.56 7.00 32.55
CA LYS C 65 10.58 6.33 33.41
C LYS C 65 10.90 6.42 34.88
N CYS C 66 12.17 6.38 35.24
CA CYS C 66 12.52 6.36 36.66
C CYS C 66 12.51 7.77 37.26
N MET C 67 12.70 8.76 36.41
CA MET C 67 12.69 10.17 36.80
C MET C 67 11.33 10.66 37.28
N LEU C 68 10.34 9.87 37.00
CA LEU C 68 9.02 10.19 37.47
C LEU C 68 9.06 10.18 39.01
N TYR C 69 9.97 9.40 39.57
CA TYR C 69 10.05 9.26 41.02
C TYR C 69 10.66 10.46 41.75
N ILE C 70 10.87 11.54 41.00
CA ILE C 70 11.23 12.81 41.56
C ILE C 70 9.97 13.33 42.23
N ASN C 71 8.86 12.83 41.71
CA ASN C 71 7.56 13.17 42.19
C ASN C 71 7.13 12.38 43.40
N VAL C 72 7.86 11.35 43.76
CA VAL C 72 7.49 10.75 45.02
C VAL C 72 8.16 11.45 46.19
N GLY C 73 9.46 11.68 46.09
CA GLY C 73 10.11 12.46 47.11
C GLY C 73 10.28 11.73 48.44
N GLY C 74 11.12 12.30 49.28
CA GLY C 74 11.44 11.70 50.56
C GLY C 74 12.41 10.57 50.28
N GLN C 75 12.67 9.76 51.29
CA GLN C 75 13.54 8.62 51.14
C GLN C 75 12.90 7.47 50.33
N ARG C 76 11.58 7.34 50.41
CA ARG C 76 10.88 6.26 49.71
C ARG C 76 10.95 6.51 48.21
N GLY C 77 10.85 7.77 47.80
CA GLY C 77 10.93 8.12 46.40
C GLY C 77 12.30 7.94 45.80
N GLU C 78 13.35 8.12 46.58
CA GLU C 78 14.70 7.97 46.04
C GLU C 78 15.00 6.52 45.86
N LEU C 79 14.46 5.73 46.78
CA LEU C 79 14.70 4.30 46.74
C LEU C 79 13.97 3.68 45.56
N LEU C 80 12.72 4.09 45.37
CA LEU C 80 11.94 3.62 44.27
C LEU C 80 12.55 4.04 42.94
N MET C 81 13.01 5.29 42.84
CA MET C 81 13.61 5.75 41.62
C MET C 81 14.80 4.85 41.29
N ASN C 82 15.67 4.61 42.26
CA ASN C 82 16.84 3.76 42.02
C ASN C 82 16.47 2.28 41.82
N GLN C 83 15.44 1.83 42.51
CA GLN C 83 14.97 0.45 42.40
C GLN C 83 14.31 0.13 41.05
N CYS C 84 13.50 1.06 40.57
CA CYS C 84 12.83 0.89 39.31
C CYS C 84 13.87 0.89 38.18
N GLU C 85 14.88 1.73 38.30
CA GLU C 85 15.86 1.80 37.24
C GLU C 85 16.58 0.48 37.11
N LEU C 86 16.78 -0.19 38.23
CA LEU C 86 17.46 -1.47 38.13
C LEU C 86 16.60 -2.58 37.47
N SER C 87 15.31 -2.64 37.79
CA SER C 87 14.42 -3.65 37.25
C SER C 87 14.28 -3.56 35.75
N MET C 88 14.21 -2.32 35.27
CA MET C 88 14.02 -2.09 33.86
C MET C 88 15.27 -2.46 33.07
N LEU C 89 16.42 -2.19 33.66
CA LEU C 89 17.70 -2.54 33.05
C LEU C 89 17.86 -4.05 33.04
N GLN C 90 17.38 -4.72 34.10
CA GLN C 90 17.46 -6.17 34.12
C GLN C 90 16.60 -6.86 33.08
N GLY C 91 15.37 -6.38 32.94
CA GLY C 91 14.42 -6.89 31.98
C GLY C 91 14.90 -6.67 30.56
N LEU C 92 15.60 -5.56 30.36
CA LEU C 92 16.15 -5.27 29.05
C LEU C 92 17.26 -6.23 28.75
N ASP C 93 18.11 -6.58 29.72
CA ASP C 93 19.18 -7.54 29.39
C ASP C 93 18.53 -8.88 29.03
N ILE C 94 17.52 -9.26 29.80
CA ILE C 94 16.80 -10.51 29.59
C ILE C 94 16.08 -10.53 28.24
N TYR C 95 15.43 -9.43 27.89
CA TYR C 95 14.73 -9.35 26.63
C TYR C 95 15.72 -9.53 25.51
N ILE C 96 16.84 -8.85 25.64
CA ILE C 96 17.90 -8.92 24.64
C ILE C 96 18.55 -10.31 24.51
N GLN C 97 18.85 -10.96 25.63
CA GLN C 97 19.42 -12.29 25.60
C GLN C 97 18.46 -13.25 24.93
N GLN C 98 17.17 -13.09 25.23
CA GLN C 98 16.14 -13.97 24.72
C GLN C 98 15.97 -13.80 23.22
N TYR C 99 16.03 -12.56 22.76
CA TYR C 99 15.95 -12.24 21.35
C TYR C 99 17.11 -12.86 20.56
N ILE C 100 18.31 -12.76 21.14
CA ILE C 100 19.50 -13.34 20.54
C ILE C 100 19.36 -14.84 20.41
N GLU C 101 18.83 -15.46 21.47
CA GLU C 101 18.61 -16.90 21.53
C GLU C 101 17.60 -17.33 20.46
N ASP C 102 16.56 -16.53 20.29
CA ASP C 102 15.54 -16.81 19.29
C ASP C 102 16.08 -16.67 17.86
N VAL C 103 17.02 -15.76 17.64
CA VAL C 103 17.63 -15.55 16.33
C VAL C 103 18.60 -16.69 16.05
N ASP C 104 19.37 -17.07 17.08
CA ASP C 104 20.34 -18.14 16.97
C ASP C 104 19.61 -19.38 16.50
N ASN C 105 18.43 -19.59 17.06
CA ASN C 105 17.70 -20.74 16.66
C ASN C 105 16.81 -20.55 15.45
N SER C 106 17.31 -19.92 14.42
CA SER C 106 16.49 -19.83 13.21
C SER C 106 17.44 -19.89 12.01
N VAL D 18 14.02 12.77 -13.28
CA VAL D 18 13.17 12.03 -12.34
C VAL D 18 12.36 10.94 -13.10
N HIS D 19 12.14 9.83 -12.41
CA HIS D 19 11.39 8.74 -12.96
C HIS D 19 9.96 9.19 -13.29
N GLN D 20 9.44 10.05 -12.46
CA GLN D 20 8.10 10.57 -12.63
C GLN D 20 8.02 11.59 -13.78
N LYS D 21 9.11 12.30 -14.03
CA LYS D 21 9.08 13.27 -15.12
C LYS D 21 9.05 12.52 -16.44
N ILE D 22 9.72 11.37 -16.45
CA ILE D 22 9.71 10.52 -17.64
C ILE D 22 8.31 9.95 -17.86
N LEU D 23 7.68 9.45 -16.80
CA LEU D 23 6.34 8.91 -16.96
C LEU D 23 5.42 9.99 -17.46
N VAL D 24 5.55 11.21 -16.96
CA VAL D 24 4.72 12.30 -17.46
C VAL D 24 5.02 12.52 -18.94
N CYS D 25 6.29 12.44 -19.33
CA CYS D 25 6.63 12.63 -20.73
C CYS D 25 5.92 11.60 -21.62
N ILE D 26 5.93 10.36 -21.16
CA ILE D 26 5.30 9.23 -21.84
C ILE D 26 3.76 9.36 -21.88
N GLN D 27 3.17 9.70 -20.75
CA GLN D 27 1.73 9.83 -20.60
C GLN D 27 1.15 10.93 -21.48
N ASN D 28 1.97 11.90 -21.82
CA ASN D 28 1.56 12.94 -22.75
C ASN D 28 1.42 12.42 -24.17
N GLU D 29 2.39 11.59 -24.53
CA GLU D 29 2.45 10.97 -25.84
C GLU D 29 1.33 9.98 -26.06
N ILE D 30 0.94 9.30 -24.99
CA ILE D 30 -0.17 8.36 -24.98
C ILE D 30 -1.46 9.08 -25.33
N ALA D 31 -1.68 10.25 -24.70
CA ALA D 31 -2.88 11.04 -24.95
C ALA D 31 -2.86 11.50 -26.42
N LYS D 32 -1.67 11.72 -26.97
CA LYS D 32 -1.54 12.10 -28.38
C LYS D 32 -1.95 10.98 -29.33
N SER D 33 -1.48 9.75 -29.08
CA SER D 33 -1.83 8.61 -29.92
C SER D 33 -3.30 8.35 -29.82
N GLU D 34 -3.82 8.42 -28.60
CA GLU D 34 -5.25 8.20 -28.39
C GLU D 34 -6.09 9.14 -29.23
N THR D 35 -5.67 10.39 -29.29
CA THR D 35 -6.38 11.39 -30.04
C THR D 35 -6.30 11.09 -31.55
N GLN D 36 -5.11 10.77 -32.09
CA GLN D 36 -5.01 10.50 -33.54
C GLN D 36 -5.82 9.30 -33.94
N ILE D 37 -5.76 8.26 -33.12
CA ILE D 37 -6.50 7.05 -33.38
C ILE D 37 -8.00 7.38 -33.35
N ARG D 38 -8.47 8.08 -32.33
CA ARG D 38 -9.88 8.41 -32.28
C ARG D 38 -10.32 9.28 -33.43
N ASN D 39 -9.44 10.22 -33.78
CA ASN D 39 -9.74 11.12 -34.88
C ASN D 39 -9.71 10.46 -36.23
N ASN D 40 -8.74 9.56 -36.36
CA ASN D 40 -8.57 8.85 -37.59
C ASN D 40 -9.74 7.91 -37.88
N ILE D 41 -10.29 7.31 -36.83
CA ILE D 41 -11.44 6.41 -36.97
C ILE D 41 -12.77 7.11 -37.18
N SER D 42 -12.95 8.23 -36.49
CA SER D 42 -14.20 8.94 -36.62
C SER D 42 -14.31 9.71 -37.92
N SER D 43 -13.25 9.70 -38.72
CA SER D 43 -13.28 10.29 -40.06
C SER D 43 -14.33 9.50 -40.85
N LYS D 44 -15.52 10.07 -40.86
CA LYS D 44 -16.77 9.47 -41.29
C LYS D 44 -16.81 9.09 -42.76
N SER D 45 -16.23 7.94 -43.08
CA SER D 45 -16.40 7.37 -44.41
C SER D 45 -16.65 5.91 -44.17
N ILE D 46 -17.90 5.52 -44.36
CA ILE D 46 -18.36 4.17 -44.04
C ILE D 46 -17.76 3.13 -44.99
N ASP D 47 -16.99 3.61 -45.98
CA ASP D 47 -16.31 2.71 -46.91
C ASP D 47 -15.24 1.94 -46.17
N TYR D 48 -14.84 2.50 -45.02
CA TYR D 48 -13.85 1.87 -44.17
C TYR D 48 -14.44 0.87 -43.21
N GLY D 49 -15.71 1.09 -42.87
CA GLY D 49 -16.48 0.12 -42.10
C GLY D 49 -15.96 -0.19 -40.71
N PHE D 50 -15.65 0.83 -39.92
CA PHE D 50 -15.20 0.64 -38.53
C PHE D 50 -16.40 0.41 -37.63
N PRO D 51 -16.40 -0.69 -36.85
CA PRO D 51 -17.50 -0.97 -35.90
C PRO D 51 -17.66 0.20 -34.92
N ASP D 52 -18.84 0.36 -34.34
CA ASP D 52 -19.07 1.57 -33.55
C ASP D 52 -18.20 1.85 -32.32
N ASP D 53 -17.91 0.81 -31.57
CA ASP D 53 -17.13 0.94 -30.35
C ASP D 53 -15.74 0.38 -30.58
N PHE D 54 -15.29 0.51 -31.83
CA PHE D 54 -14.02 -0.06 -32.24
C PHE D 54 -12.90 0.53 -31.44
N TYR D 55 -12.81 1.84 -31.33
CA TYR D 55 -11.72 2.43 -30.59
C TYR D 55 -11.64 1.99 -29.14
N SER D 56 -12.79 2.07 -28.48
CA SER D 56 -12.85 1.73 -27.06
C SER D 56 -12.48 0.28 -26.82
N LYS D 57 -12.95 -0.62 -27.69
CA LYS D 57 -12.67 -2.04 -27.52
C LYS D 57 -11.21 -2.32 -27.72
N GLN D 58 -10.60 -1.65 -28.68
CA GLN D 58 -9.19 -1.88 -28.91
C GLN D 58 -8.32 -1.24 -27.82
N ARG D 59 -8.76 -0.08 -27.33
CA ARG D 59 -8.07 0.67 -26.29
C ARG D 59 -8.12 -0.11 -24.98
N LEU D 60 -9.27 -0.72 -24.76
CA LEU D 60 -9.44 -1.48 -23.54
C LEU D 60 -8.52 -2.73 -23.58
N ALA D 61 -8.41 -3.34 -24.78
CA ALA D 61 -7.57 -4.50 -24.92
C ALA D 61 -6.10 -4.16 -24.63
N ILE D 62 -5.67 -3.02 -25.16
CA ILE D 62 -4.32 -2.55 -24.94
C ILE D 62 -4.17 -2.23 -23.44
N HIS D 63 -5.15 -1.58 -22.83
CA HIS D 63 -5.06 -1.24 -21.40
C HIS D 63 -4.93 -2.48 -20.51
N GLU D 64 -5.77 -3.47 -20.77
CA GLU D 64 -5.76 -4.69 -20.01
C GLU D 64 -4.44 -5.47 -20.16
N LYS D 65 -3.77 -5.26 -21.28
CA LYS D 65 -2.51 -5.96 -21.49
C LYS D 65 -1.39 -5.34 -20.66
N CYS D 66 -1.42 -4.02 -20.51
CA CYS D 66 -0.33 -3.34 -19.82
C CYS D 66 -0.46 -3.36 -18.33
N MET D 67 -1.68 -3.51 -17.84
CA MET D 67 -1.92 -3.58 -16.42
C MET D 67 -1.31 -4.81 -15.82
N LEU D 68 -0.94 -5.76 -16.67
CA LEU D 68 -0.27 -6.97 -16.19
C LEU D 68 1.04 -6.56 -15.49
N TYR D 69 1.63 -5.42 -15.88
CA TYR D 69 2.88 -4.97 -15.30
C TYR D 69 2.80 -4.37 -13.88
N ILE D 70 1.64 -4.45 -13.25
CA ILE D 70 1.55 -4.13 -11.83
C ILE D 70 2.19 -5.30 -11.07
N ASN D 71 2.23 -6.48 -11.68
CA ASN D 71 2.83 -7.65 -11.03
C ASN D 71 4.33 -7.66 -11.13
N VAL D 72 4.86 -6.75 -11.94
CA VAL D 72 6.30 -6.58 -11.96
C VAL D 72 6.66 -5.63 -10.84
N GLY D 73 5.93 -4.53 -10.73
CA GLY D 73 6.17 -3.71 -9.57
C GLY D 73 7.47 -2.95 -9.62
N GLY D 74 7.55 -1.99 -8.71
CA GLY D 74 8.67 -1.08 -8.60
C GLY D 74 8.57 -0.03 -9.68
N GLN D 75 9.64 0.74 -9.85
CA GLN D 75 9.64 1.73 -10.90
C GLN D 75 9.76 1.11 -12.28
N ARG D 76 10.44 -0.02 -12.33
CA ARG D 76 10.68 -0.71 -13.59
C ARG D 76 9.34 -1.23 -14.06
N GLY D 77 8.52 -1.67 -13.11
CA GLY D 77 7.19 -2.14 -13.45
C GLY D 77 6.32 -0.97 -13.90
N GLU D 78 6.52 0.24 -13.36
CA GLU D 78 5.68 1.36 -13.78
C GLU D 78 6.12 1.85 -15.12
N LEU D 79 7.41 1.74 -15.32
CA LEU D 79 7.98 2.18 -16.56
C LEU D 79 7.62 1.29 -17.73
N LEU D 80 7.70 -0.02 -17.50
CA LEU D 80 7.35 -0.96 -18.53
C LEU D 80 5.90 -0.85 -18.88
N MET D 81 5.07 -0.71 -17.86
CA MET D 81 3.66 -0.60 -18.12
C MET D 81 3.33 0.56 -19.04
N ASN D 82 3.87 1.73 -18.74
CA ASN D 82 3.62 2.88 -19.58
C ASN D 82 4.28 2.85 -20.93
N GLN D 83 5.47 2.28 -20.95
CA GLN D 83 6.22 2.21 -22.17
C GLN D 83 5.53 1.21 -23.16
N CYS D 84 5.03 0.09 -22.66
CA CYS D 84 4.37 -0.88 -23.49
C CYS D 84 3.07 -0.36 -24.03
N GLU D 85 2.37 0.38 -23.18
CA GLU D 85 1.08 0.87 -23.59
C GLU D 85 1.22 1.85 -24.72
N LEU D 86 2.29 2.62 -24.70
CA LEU D 86 2.55 3.59 -25.76
C LEU D 86 2.94 2.81 -27.04
N SER D 87 3.70 1.73 -26.88
CA SER D 87 4.15 0.98 -28.02
C SER D 87 2.98 0.40 -28.78
N MET D 88 2.02 -0.08 -27.99
CA MET D 88 0.85 -0.71 -28.53
C MET D 88 -0.07 0.28 -29.20
N LEU D 89 -0.13 1.48 -28.62
CA LEU D 89 -0.97 2.51 -29.20
C LEU D 89 -0.43 2.98 -30.53
N GLN D 90 0.88 3.04 -30.61
CA GLN D 90 1.51 3.41 -31.84
C GLN D 90 1.31 2.36 -32.93
N GLY D 91 1.44 1.08 -32.58
CA GLY D 91 1.26 0.00 -33.51
C GLY D 91 -0.17 -0.06 -34.00
N LEU D 92 -1.09 0.30 -33.11
CA LEU D 92 -2.48 0.36 -33.48
C LEU D 92 -2.73 1.50 -34.47
N ASP D 93 -2.10 2.64 -34.18
CA ASP D 93 -2.26 3.81 -35.03
C ASP D 93 -1.71 3.53 -36.40
N ILE D 94 -0.54 2.88 -36.43
CA ILE D 94 0.12 2.49 -37.65
C ILE D 94 -0.74 1.49 -38.39
N TYR D 95 -1.30 0.54 -37.66
CA TYR D 95 -2.15 -0.45 -38.26
C TYR D 95 -3.35 0.19 -38.93
N ILE D 96 -3.98 1.13 -38.24
CA ILE D 96 -5.16 1.80 -38.81
C ILE D 96 -4.89 2.64 -40.04
N GLN D 97 -3.82 3.43 -40.03
CA GLN D 97 -3.49 4.24 -41.20
C GLN D 97 -3.21 3.34 -42.39
N GLN D 98 -2.54 2.23 -42.13
CA GLN D 98 -2.19 1.30 -43.18
C GLN D 98 -3.40 0.61 -43.72
N TYR D 99 -4.31 0.27 -42.82
CA TYR D 99 -5.53 -0.37 -43.26
C TYR D 99 -6.31 0.56 -44.19
N ILE D 100 -6.38 1.84 -43.81
CA ILE D 100 -7.05 2.87 -44.60
C ILE D 100 -6.40 3.03 -45.97
N GLU D 101 -5.07 2.99 -46.00
CA GLU D 101 -4.33 3.11 -47.25
C GLU D 101 -4.66 1.96 -48.21
N ASP D 102 -4.79 0.75 -47.67
CA ASP D 102 -5.11 -0.43 -48.47
C ASP D 102 -6.53 -0.40 -49.07
N VAL D 103 -7.47 0.20 -48.34
CA VAL D 103 -8.84 0.32 -48.82
C VAL D 103 -8.80 1.43 -49.89
N ASP D 104 -8.08 2.50 -49.62
CA ASP D 104 -7.97 3.59 -50.58
C ASP D 104 -7.43 3.10 -51.89
N ASN D 105 -6.43 2.23 -51.83
CA ASN D 105 -5.86 1.70 -53.04
C ASN D 105 -6.62 0.46 -53.45
N SER D 106 -7.94 0.59 -53.40
CA SER D 106 -8.85 -0.46 -53.80
C SER D 106 -10.12 0.08 -54.49
N VAL E 18 -4.47 -22.68 -55.10
CA VAL E 18 -3.21 -22.23 -54.51
C VAL E 18 -3.39 -21.18 -53.42
N HIS E 19 -4.33 -20.26 -53.64
CA HIS E 19 -4.65 -19.21 -52.68
C HIS E 19 -5.15 -19.93 -51.46
N GLN E 20 -5.87 -21.03 -51.71
CA GLN E 20 -6.45 -21.84 -50.66
C GLN E 20 -5.36 -22.64 -49.92
N LYS E 21 -4.27 -22.98 -50.62
CA LYS E 21 -3.16 -23.73 -50.03
C LYS E 21 -2.40 -22.84 -49.03
N ILE E 22 -2.36 -21.56 -49.40
CA ILE E 22 -1.77 -20.53 -48.60
C ILE E 22 -2.56 -20.30 -47.33
N LEU E 23 -3.90 -20.19 -47.48
CA LEU E 23 -4.73 -19.95 -46.31
C LEU E 23 -4.59 -21.05 -45.29
N VAL E 24 -4.52 -22.28 -45.78
CA VAL E 24 -4.32 -23.46 -44.97
C VAL E 24 -3.00 -23.34 -44.23
N CYS E 25 -2.00 -22.84 -44.94
CA CYS E 25 -0.71 -22.68 -44.31
C CYS E 25 -0.71 -21.73 -43.11
N ILE E 26 -1.35 -20.59 -43.32
CA ILE E 26 -1.51 -19.55 -42.35
C ILE E 26 -2.41 -19.96 -41.23
N GLN E 27 -3.56 -20.56 -41.57
CA GLN E 27 -4.50 -20.96 -40.55
C GLN E 27 -3.90 -22.02 -39.66
N ASN E 28 -2.92 -22.77 -40.17
CA ASN E 28 -2.24 -23.69 -39.28
C ASN E 28 -1.37 -22.94 -38.31
N GLU E 29 -0.69 -21.91 -38.78
CA GLU E 29 0.12 -21.13 -37.88
C GLU E 29 -0.74 -20.34 -36.91
N ILE E 30 -1.91 -19.89 -37.37
CA ILE E 30 -2.85 -19.19 -36.50
C ILE E 30 -3.31 -20.13 -35.36
N ALA E 31 -3.64 -21.35 -35.74
CA ALA E 31 -4.07 -22.35 -34.79
C ALA E 31 -2.94 -22.69 -33.81
N LYS E 32 -1.68 -22.61 -34.29
CA LYS E 32 -0.49 -22.87 -33.44
C LYS E 32 -0.31 -21.81 -32.41
N SER E 33 -0.44 -20.54 -32.82
CA SER E 33 -0.28 -19.43 -31.91
C SER E 33 -1.33 -19.45 -30.85
N GLU E 34 -2.58 -19.71 -31.27
CA GLU E 34 -3.67 -19.75 -30.31
C GLU E 34 -3.40 -20.77 -29.21
N THR E 35 -2.84 -21.91 -29.57
CA THR E 35 -2.54 -22.97 -28.61
C THR E 35 -1.48 -22.64 -27.58
N GLN E 36 -0.39 -22.12 -28.09
CA GLN E 36 0.77 -21.76 -27.30
C GLN E 36 0.37 -20.66 -26.37
N ILE E 37 -0.43 -19.73 -26.89
CA ILE E 37 -0.93 -18.63 -26.09
C ILE E 37 -1.84 -19.10 -24.95
N ARG E 38 -2.84 -19.93 -25.25
CA ARG E 38 -3.75 -20.39 -24.21
C ARG E 38 -3.06 -21.17 -23.15
N ASN E 39 -2.11 -21.97 -23.61
CA ASN E 39 -1.32 -22.81 -22.71
C ASN E 39 -0.39 -22.01 -21.84
N ASN E 40 0.20 -20.94 -22.40
CA ASN E 40 1.09 -20.11 -21.59
C ASN E 40 0.32 -19.41 -20.48
N ILE E 41 -0.91 -19.03 -20.76
CA ILE E 41 -1.74 -18.35 -19.79
C ILE E 41 -2.32 -19.24 -18.70
N SER E 42 -2.73 -20.45 -19.06
CA SER E 42 -3.33 -21.33 -18.05
C SER E 42 -2.36 -21.99 -17.08
N SER E 43 -1.04 -21.81 -17.27
CA SER E 43 -0.05 -22.31 -16.32
C SER E 43 -0.23 -21.63 -14.97
N LYS E 44 -0.95 -22.33 -14.12
CA LYS E 44 -1.48 -21.82 -12.87
C LYS E 44 -0.46 -21.40 -11.82
N SER E 45 0.04 -20.19 -11.99
CA SER E 45 0.83 -19.59 -10.95
C SER E 45 0.19 -18.22 -11.02
N ILE E 46 -0.64 -17.98 -10.03
CA ILE E 46 -1.50 -16.81 -9.96
C ILE E 46 -0.66 -15.54 -9.72
N ASP E 47 0.64 -15.73 -9.57
CA ASP E 47 1.59 -14.64 -9.41
C ASP E 47 1.65 -13.85 -10.71
N TYR E 48 1.18 -14.48 -11.80
CA TYR E 48 1.17 -13.84 -13.11
C TYR E 48 -0.09 -13.02 -13.33
N GLY E 49 -1.14 -13.41 -12.64
CA GLY E 49 -2.35 -12.60 -12.59
C GLY E 49 -3.06 -12.34 -13.89
N PHE E 50 -3.27 -13.40 -14.66
CA PHE E 50 -4.05 -13.31 -15.88
C PHE E 50 -5.53 -13.40 -15.55
N PRO E 51 -6.33 -12.41 -15.96
CA PRO E 51 -7.78 -12.52 -15.76
C PRO E 51 -8.38 -13.76 -16.45
N ASP E 52 -9.52 -14.20 -15.94
CA ASP E 52 -10.15 -15.44 -16.40
C ASP E 52 -10.47 -15.32 -17.87
N ASP E 53 -10.87 -14.11 -18.26
CA ASP E 53 -11.28 -13.88 -19.63
C ASP E 53 -10.25 -13.13 -20.47
N PHE E 54 -8.99 -13.26 -20.09
CA PHE E 54 -7.92 -12.54 -20.77
C PHE E 54 -7.80 -13.01 -22.23
N TYR E 55 -7.69 -14.33 -22.44
CA TYR E 55 -7.54 -14.89 -23.79
C TYR E 55 -8.73 -14.51 -24.66
N SER E 56 -9.95 -14.73 -24.17
CA SER E 56 -11.10 -14.45 -25.01
C SER E 56 -11.12 -12.99 -25.41
N LYS E 57 -10.80 -12.13 -24.45
CA LYS E 57 -10.81 -10.72 -24.75
C LYS E 57 -9.74 -10.26 -25.75
N GLN E 58 -8.53 -10.81 -25.62
CA GLN E 58 -7.43 -10.44 -26.52
C GLN E 58 -7.60 -11.04 -27.90
N ARG E 59 -8.16 -12.26 -27.93
CA ARG E 59 -8.38 -12.98 -29.14
C ARG E 59 -9.38 -12.30 -30.01
N LEU E 60 -10.43 -11.83 -29.34
CA LEU E 60 -11.52 -11.14 -29.97
C LEU E 60 -11.08 -9.78 -30.49
N ALA E 61 -10.23 -9.11 -29.71
CA ALA E 61 -9.74 -7.81 -30.14
C ALA E 61 -8.95 -7.98 -31.41
N ILE E 62 -8.12 -9.01 -31.42
CA ILE E 62 -7.29 -9.35 -32.57
C ILE E 62 -8.17 -9.72 -33.77
N HIS E 63 -9.18 -10.53 -33.50
CA HIS E 63 -10.08 -10.98 -34.56
C HIS E 63 -10.79 -9.75 -35.20
N GLU E 64 -11.25 -8.83 -34.36
CA GLU E 64 -11.96 -7.64 -34.83
C GLU E 64 -11.09 -6.69 -35.71
N LYS E 65 -9.77 -6.69 -35.53
CA LYS E 65 -8.96 -5.82 -36.41
C LYS E 65 -8.80 -6.37 -37.79
N CYS E 66 -8.70 -7.69 -37.89
CA CYS E 66 -8.44 -8.28 -39.18
C CYS E 66 -9.67 -8.39 -40.03
N MET E 67 -10.83 -8.46 -39.38
CA MET E 67 -12.09 -8.55 -40.07
C MET E 67 -12.35 -7.28 -40.87
N LEU E 68 -11.57 -6.24 -40.57
CA LEU E 68 -11.64 -4.98 -41.29
C LEU E 68 -11.28 -5.24 -42.75
N TYR E 69 -10.44 -6.27 -42.98
CA TYR E 69 -10.02 -6.54 -44.35
C TYR E 69 -11.02 -7.22 -45.29
N ILE E 70 -12.26 -7.37 -44.84
CA ILE E 70 -13.32 -7.79 -45.75
C ILE E 70 -13.67 -6.63 -46.64
N ASN E 71 -13.36 -5.43 -46.16
CA ASN E 71 -13.66 -4.23 -46.90
C ASN E 71 -12.64 -3.95 -48.01
N VAL E 72 -11.55 -4.71 -47.99
CA VAL E 72 -10.59 -4.68 -49.08
C VAL E 72 -11.14 -5.66 -50.12
N GLY E 73 -11.55 -6.83 -49.63
CA GLY E 73 -12.23 -7.81 -50.46
C GLY E 73 -11.41 -8.56 -51.48
N GLY E 74 -12.00 -9.63 -52.00
CA GLY E 74 -11.30 -10.47 -52.94
C GLY E 74 -10.32 -11.34 -52.19
N GLN E 75 -9.45 -11.99 -52.94
CA GLN E 75 -8.45 -12.82 -52.34
C GLN E 75 -7.39 -11.98 -51.64
N ARG E 76 -7.13 -10.77 -52.15
CA ARG E 76 -6.11 -9.93 -51.53
C ARG E 76 -6.62 -9.48 -50.18
N GLY E 77 -7.91 -9.19 -50.10
CA GLY E 77 -8.48 -8.77 -48.83
C GLY E 77 -8.56 -9.94 -47.86
N GLU E 78 -8.77 -11.13 -48.39
CA GLU E 78 -8.84 -12.30 -47.55
C GLU E 78 -7.48 -12.75 -47.09
N LEU E 79 -6.50 -12.57 -47.95
CA LEU E 79 -5.14 -12.97 -47.67
C LEU E 79 -4.59 -12.05 -46.61
N LEU E 80 -4.86 -10.75 -46.77
CA LEU E 80 -4.46 -9.73 -45.81
C LEU E 80 -5.17 -9.95 -44.46
N MET E 81 -6.45 -10.29 -44.49
CA MET E 81 -7.15 -10.53 -43.24
C MET E 81 -6.45 -11.63 -42.45
N ASN E 82 -6.14 -12.72 -43.12
CA ASN E 82 -5.44 -13.84 -42.46
C ASN E 82 -4.00 -13.60 -42.09
N GLN E 83 -3.30 -12.84 -42.90
CA GLN E 83 -1.90 -12.52 -42.66
C GLN E 83 -1.72 -11.63 -41.44
N CYS E 84 -2.62 -10.67 -41.33
CA CYS E 84 -2.58 -9.76 -40.23
C CYS E 84 -2.90 -10.47 -38.94
N GLU E 85 -3.84 -11.41 -39.01
CA GLU E 85 -4.28 -12.10 -37.80
C GLU E 85 -3.16 -12.93 -37.26
N LEU E 86 -2.34 -13.46 -38.14
CA LEU E 86 -1.24 -14.25 -37.68
C LEU E 86 -0.18 -13.37 -37.03
N SER E 87 0.07 -12.20 -37.60
CA SER E 87 1.08 -11.31 -37.07
C SER E 87 0.71 -10.87 -35.69
N MET E 88 -0.57 -10.61 -35.51
CA MET E 88 -1.03 -10.15 -34.23
C MET E 88 -0.98 -11.19 -33.13
N LEU E 89 -1.29 -12.42 -33.50
CA LEU E 89 -1.28 -13.55 -32.60
C LEU E 89 0.16 -13.86 -32.18
N GLN E 90 1.10 -13.69 -33.12
CA GLN E 90 2.51 -13.91 -32.86
C GLN E 90 3.07 -12.91 -31.88
N GLY E 91 2.71 -11.65 -32.07
CA GLY E 91 3.10 -10.57 -31.22
C GLY E 91 2.51 -10.69 -29.83
N LEU E 92 1.29 -11.22 -29.77
CA LEU E 92 0.64 -11.43 -28.48
C LEU E 92 1.36 -12.56 -27.74
N ASP E 93 1.72 -13.60 -28.48
CA ASP E 93 2.42 -14.72 -27.86
C ASP E 93 3.75 -14.23 -27.32
N ILE E 94 4.40 -13.39 -28.12
CA ILE E 94 5.68 -12.80 -27.76
C ILE E 94 5.58 -11.92 -26.52
N TYR E 95 4.52 -11.09 -26.49
CA TYR E 95 4.24 -10.18 -25.40
C TYR E 95 4.04 -10.95 -24.10
N ILE E 96 3.28 -12.04 -24.19
CA ILE E 96 2.98 -12.89 -23.03
C ILE E 96 4.23 -13.56 -22.48
N GLN E 97 5.06 -14.09 -23.37
CA GLN E 97 6.29 -14.70 -22.96
C GLN E 97 7.19 -13.71 -22.29
N GLN E 98 7.24 -12.50 -22.83
CA GLN E 98 8.09 -11.46 -22.27
C GLN E 98 7.60 -10.98 -20.92
N TYR E 99 6.28 -10.79 -20.77
CA TYR E 99 5.72 -10.37 -19.49
C TYR E 99 6.00 -11.40 -18.42
N ILE E 100 5.81 -12.67 -18.77
CA ILE E 100 6.10 -13.77 -17.85
C ILE E 100 7.60 -13.75 -17.48
N GLU E 101 8.43 -13.53 -18.48
CA GLU E 101 9.85 -13.50 -18.23
C GLU E 101 10.17 -12.35 -17.28
N ASP E 102 9.54 -11.19 -17.46
CA ASP E 102 9.78 -10.04 -16.56
C ASP E 102 9.26 -10.28 -15.14
N VAL E 103 8.18 -11.03 -14.99
CA VAL E 103 7.66 -11.32 -13.66
C VAL E 103 8.52 -12.34 -12.93
N ASP E 104 8.94 -13.40 -13.63
CA ASP E 104 9.78 -14.43 -13.00
C ASP E 104 11.07 -13.87 -12.41
N ASN E 105 11.74 -13.01 -13.17
CA ASN E 105 12.97 -12.43 -12.68
C ASN E 105 12.72 -11.14 -11.89
N SER E 106 11.75 -11.21 -11.01
CA SER E 106 11.41 -10.11 -10.11
C SER E 106 11.00 -10.67 -8.76
N SER F 16 -20.38 -6.67 -24.45
CA SER F 16 -21.07 -5.46 -24.87
C SER F 16 -20.09 -4.54 -25.60
N GLY F 17 -20.62 -3.56 -26.34
CA GLY F 17 -19.83 -2.59 -27.08
C GLY F 17 -19.56 -1.32 -26.29
N VAL F 18 -20.66 -0.75 -25.80
CA VAL F 18 -20.73 0.45 -24.97
C VAL F 18 -20.10 0.27 -23.59
N HIS F 19 -20.19 -0.93 -23.02
CA HIS F 19 -19.61 -1.16 -21.69
C HIS F 19 -18.13 -0.87 -21.80
N GLN F 20 -17.51 -1.21 -22.92
CA GLN F 20 -16.08 -0.97 -23.07
C GLN F 20 -15.88 0.53 -23.24
N LYS F 21 -16.88 1.20 -23.82
CA LYS F 21 -16.79 2.63 -24.01
C LYS F 21 -16.87 3.45 -22.75
N ILE F 22 -17.70 2.96 -21.84
CA ILE F 22 -17.88 3.60 -20.54
C ILE F 22 -16.63 3.50 -19.68
N LEU F 23 -16.04 2.29 -19.60
CA LEU F 23 -14.82 2.06 -18.82
C LEU F 23 -13.62 2.91 -19.32
N VAL F 24 -13.50 3.02 -20.65
CA VAL F 24 -12.46 3.84 -21.27
C VAL F 24 -12.60 5.32 -20.86
N CYS F 25 -13.82 5.85 -20.82
CA CYS F 25 -14.03 7.23 -20.41
C CYS F 25 -13.54 7.42 -18.97
N ILE F 26 -13.90 6.45 -18.14
CA ILE F 26 -13.52 6.48 -16.76
C ILE F 26 -12.01 6.38 -16.65
N GLN F 27 -11.44 5.45 -17.39
CA GLN F 27 -9.99 5.26 -17.36
C GLN F 27 -9.29 6.48 -17.95
N ASN F 28 -10.00 7.21 -18.80
CA ASN F 28 -9.45 8.46 -19.31
C ASN F 28 -9.42 9.50 -18.20
N GLU F 29 -10.48 9.52 -17.38
CA GLU F 29 -10.58 10.45 -16.25
C GLU F 29 -9.55 10.14 -15.22
N ILE F 30 -9.27 8.84 -15.09
CA ILE F 30 -8.23 8.34 -14.19
C ILE F 30 -6.85 8.88 -14.61
N ALA F 31 -6.58 8.86 -15.89
CA ALA F 31 -5.32 9.36 -16.39
C ALA F 31 -5.13 10.86 -16.22
N LYS F 32 -6.24 11.58 -16.28
CA LYS F 32 -6.22 13.02 -16.10
C LYS F 32 -5.86 13.28 -14.69
N SER F 33 -6.48 12.52 -13.76
CA SER F 33 -6.17 12.69 -12.33
C SER F 33 -4.74 12.34 -12.00
N GLU F 34 -4.26 11.22 -12.52
CA GLU F 34 -2.91 10.78 -12.26
C GLU F 34 -1.91 11.83 -12.68
N THR F 35 -2.15 12.38 -13.85
CA THR F 35 -1.26 13.39 -14.41
C THR F 35 -1.36 14.64 -13.54
N GLN F 36 -2.56 15.09 -13.21
CA GLN F 36 -2.68 16.30 -12.41
C GLN F 36 -2.11 16.14 -10.98
N ILE F 37 -2.38 15.00 -10.39
CA ILE F 37 -1.88 14.70 -9.06
C ILE F 37 -0.36 14.58 -9.04
N ARG F 38 0.20 13.81 -9.97
CA ARG F 38 1.64 13.61 -9.98
C ARG F 38 2.34 14.94 -10.18
N ASN F 39 1.76 15.78 -11.02
CA ASN F 39 2.30 17.10 -11.30
C ASN F 39 2.19 18.09 -10.14
N ASN F 40 1.07 18.02 -9.43
CA ASN F 40 0.82 18.88 -8.28
C ASN F 40 1.81 18.62 -7.14
N ILE F 41 2.18 17.35 -6.98
CA ILE F 41 3.11 16.90 -5.98
C ILE F 41 4.48 17.31 -6.42
N SER F 42 4.70 17.23 -7.72
CA SER F 42 6.00 17.57 -8.27
C SER F 42 6.26 19.07 -8.30
N SER F 43 5.29 19.89 -7.90
CA SER F 43 5.55 21.32 -7.77
C SER F 43 6.63 21.44 -6.72
N LYS F 44 7.84 21.54 -7.25
CA LYS F 44 9.10 21.40 -6.52
C LYS F 44 9.28 22.50 -5.48
N SER F 45 8.64 22.29 -4.34
CA SER F 45 8.84 23.10 -3.16
C SER F 45 8.93 22.18 -1.97
N ILE F 46 10.15 22.01 -1.48
CA ILE F 46 10.43 21.04 -0.41
C ILE F 46 9.82 21.46 0.95
N ASP F 47 9.22 22.65 0.97
CA ASP F 47 8.54 23.16 2.16
C ASP F 47 7.28 22.35 2.46
N TYR F 48 6.80 21.67 1.43
CA TYR F 48 5.62 20.80 1.50
C TYR F 48 5.93 19.38 1.94
N GLY F 49 7.17 18.94 1.70
CA GLY F 49 7.69 17.70 2.25
C GLY F 49 7.02 16.39 1.87
N PHE F 50 6.79 16.21 0.58
CA PHE F 50 6.21 14.98 0.03
C PHE F 50 7.33 13.95 -0.15
N PRO F 51 7.17 12.75 0.44
CA PRO F 51 8.20 11.72 0.23
C PRO F 51 8.41 11.38 -1.24
N ASP F 52 9.59 10.86 -1.57
CA ASP F 52 9.95 10.62 -2.98
C ASP F 52 9.00 9.63 -3.61
N ASP F 53 8.59 8.63 -2.84
CA ASP F 53 7.71 7.60 -3.39
C ASP F 53 6.30 7.77 -2.90
N PHE F 54 5.94 9.01 -2.57
CA PHE F 54 4.62 9.27 -2.02
C PHE F 54 3.51 8.96 -2.99
N TYR F 55 3.61 9.52 -4.20
CA TYR F 55 2.55 9.30 -5.17
C TYR F 55 2.39 7.82 -5.46
N SER F 56 3.50 7.14 -5.72
CA SER F 56 3.49 5.73 -6.09
C SER F 56 2.89 4.84 -5.01
N LYS F 57 3.22 5.13 -3.76
CA LYS F 57 2.71 4.31 -2.68
C LYS F 57 1.19 4.47 -2.57
N GLN F 58 0.71 5.69 -2.76
CA GLN F 58 -0.72 5.97 -2.68
C GLN F 58 -1.50 5.44 -3.90
N ARG F 59 -0.88 5.47 -5.08
CA ARG F 59 -1.54 4.98 -6.29
C ARG F 59 -1.75 3.49 -6.17
N LEU F 60 -0.74 2.80 -5.64
CA LEU F 60 -0.81 1.35 -5.47
C LEU F 60 -1.84 0.96 -4.43
N ALA F 61 -1.93 1.73 -3.36
CA ALA F 61 -2.90 1.47 -2.29
C ALA F 61 -4.32 1.59 -2.82
N ILE F 62 -4.57 2.61 -3.64
CA ILE F 62 -5.90 2.81 -4.25
C ILE F 62 -6.25 1.68 -5.16
N HIS F 63 -5.28 1.28 -5.97
CA HIS F 63 -5.48 0.20 -6.91
C HIS F 63 -5.82 -1.12 -6.20
N GLU F 64 -5.05 -1.41 -5.15
CA GLU F 64 -5.20 -2.63 -4.38
C GLU F 64 -6.56 -2.69 -3.69
N LYS F 65 -7.15 -1.52 -3.42
CA LYS F 65 -8.47 -1.45 -2.80
C LYS F 65 -9.57 -1.78 -3.82
N CYS F 66 -9.36 -1.33 -5.07
CA CYS F 66 -10.35 -1.46 -6.15
C CYS F 66 -10.35 -2.85 -6.81
N MET F 67 -9.22 -3.56 -6.73
CA MET F 67 -9.11 -4.90 -7.29
C MET F 67 -10.01 -5.91 -6.55
N LEU F 68 -10.50 -5.51 -5.37
CA LEU F 68 -11.39 -6.37 -4.63
C LEU F 68 -12.65 -6.62 -5.47
N TYR F 69 -12.98 -5.67 -6.35
CA TYR F 69 -14.15 -5.79 -7.20
C TYR F 69 -13.93 -6.80 -8.37
N ILE F 70 -12.83 -7.53 -8.33
CA ILE F 70 -12.65 -8.62 -9.25
C ILE F 70 -13.60 -9.71 -8.78
N ASN F 71 -13.92 -9.67 -7.48
CA ASN F 71 -14.81 -10.62 -6.85
C ASN F 71 -16.29 -10.30 -7.00
N VAL F 72 -16.60 -9.12 -7.51
CA VAL F 72 -18.00 -8.87 -7.82
C VAL F 72 -18.18 -9.45 -9.20
N GLY F 73 -17.25 -9.12 -10.09
CA GLY F 73 -17.29 -9.74 -11.39
C GLY F 73 -18.41 -9.20 -12.25
N GLY F 74 -18.32 -9.53 -13.54
CA GLY F 74 -19.29 -9.05 -14.50
C GLY F 74 -19.01 -7.62 -14.86
N GLN F 75 -19.98 -7.04 -15.56
CA GLN F 75 -19.91 -5.65 -15.97
C GLN F 75 -20.08 -4.76 -14.74
N ARG F 76 -20.80 -5.26 -13.73
CA ARG F 76 -20.98 -4.49 -12.51
C ARG F 76 -19.67 -4.32 -11.75
N GLY F 77 -18.91 -5.41 -11.71
CA GLY F 77 -17.65 -5.41 -11.02
C GLY F 77 -16.60 -4.59 -11.70
N GLU F 78 -16.65 -4.53 -13.01
CA GLU F 78 -15.68 -3.76 -13.74
C GLU F 78 -16.04 -2.26 -13.62
N LEU F 79 -17.35 -1.96 -13.58
CA LEU F 79 -17.82 -0.57 -13.47
C LEU F 79 -17.51 -0.03 -12.10
N LEU F 80 -17.78 -0.89 -11.10
CA LEU F 80 -17.50 -0.57 -9.73
C LEU F 80 -16.01 -0.41 -9.51
N MET F 81 -15.23 -1.30 -10.09
CA MET F 81 -13.81 -1.16 -9.91
C MET F 81 -13.26 0.13 -10.46
N ASN F 82 -13.63 0.47 -11.68
CA ASN F 82 -13.14 1.70 -12.30
C ASN F 82 -13.65 3.00 -11.79
N GLN F 83 -14.91 3.01 -11.40
CA GLN F 83 -15.54 4.21 -10.85
C GLN F 83 -14.93 4.49 -9.46
N CYS F 84 -14.67 3.44 -8.66
CA CYS F 84 -14.11 3.62 -7.33
C CYS F 84 -12.74 4.19 -7.41
N GLU F 85 -12.04 3.69 -8.40
CA GLU F 85 -10.70 4.11 -8.60
C GLU F 85 -10.70 5.58 -9.01
N LEU F 86 -11.70 5.98 -9.79
CA LEU F 86 -11.77 7.38 -10.17
C LEU F 86 -12.15 8.21 -8.96
N SER F 87 -13.07 7.71 -8.16
CA SER F 87 -13.52 8.43 -6.99
C SER F 87 -12.34 8.57 -5.96
N MET F 88 -11.52 7.53 -5.80
CA MET F 88 -10.43 7.63 -4.85
C MET F 88 -9.31 8.58 -5.32
N LEU F 89 -9.03 8.59 -6.61
CA LEU F 89 -8.00 9.48 -7.16
C LEU F 89 -8.48 10.91 -7.04
N GLN F 90 -9.76 11.11 -7.23
CA GLN F 90 -10.27 12.43 -7.10
C GLN F 90 -10.16 12.89 -5.64
N GLY F 91 -10.49 12.01 -4.71
CA GLY F 91 -10.40 12.29 -3.28
C GLY F 91 -8.98 12.54 -2.81
N LEU F 92 -8.03 11.83 -3.41
CA LEU F 92 -6.61 12.01 -3.16
C LEU F 92 -6.10 13.36 -3.65
N ASP F 93 -6.57 13.77 -4.82
CA ASP F 93 -6.16 15.06 -5.35
C ASP F 93 -6.65 16.19 -4.41
N ILE F 94 -7.89 16.04 -3.97
CA ILE F 94 -8.56 16.98 -3.08
C ILE F 94 -7.81 17.03 -1.74
N TYR F 95 -7.41 15.88 -1.24
CA TYR F 95 -6.68 15.82 0.01
C TYR F 95 -5.38 16.62 -0.10
N ILE F 96 -4.69 16.43 -1.21
CA ILE F 96 -3.43 17.12 -1.44
C ILE F 96 -3.56 18.63 -1.57
N GLN F 97 -4.56 19.07 -2.34
CA GLN F 97 -4.78 20.49 -2.49
C GLN F 97 -5.11 21.10 -1.14
N GLN F 98 -5.88 20.40 -0.33
CA GLN F 98 -6.24 20.93 0.97
C GLN F 98 -5.04 21.02 1.91
N TYR F 99 -4.21 19.98 1.89
CA TYR F 99 -3.01 19.93 2.70
C TYR F 99 -2.06 21.06 2.32
N ILE F 100 -1.89 21.30 1.03
CA ILE F 100 -1.04 22.41 0.60
C ILE F 100 -1.61 23.71 1.12
N GLU F 101 -2.92 23.83 1.03
CA GLU F 101 -3.62 25.00 1.47
C GLU F 101 -3.44 25.14 2.98
N ASP F 102 -3.48 24.03 3.71
CA ASP F 102 -3.29 24.10 5.16
C ASP F 102 -1.86 24.50 5.51
N VAL F 103 -0.94 24.09 4.65
CA VAL F 103 0.44 24.47 4.87
C VAL F 103 0.66 25.93 4.51
N ASP F 104 0.07 26.37 3.40
CA ASP F 104 0.24 27.75 2.99
C ASP F 104 -0.25 28.71 4.06
N ASN F 105 -1.40 28.43 4.66
CA ASN F 105 -1.90 29.31 5.70
C ASN F 105 -1.40 28.91 7.12
N SER F 106 -0.11 28.66 7.27
CA SER F 106 0.39 28.38 8.61
C SER F 106 1.72 29.05 8.66
N LEU F 107 1.85 30.10 7.87
CA LEU F 107 3.07 30.88 7.80
C LEU F 107 2.92 32.26 8.45
#